data_9C0M
#
_entry.id   9C0M
#
_cell.length_a   62.285
_cell.length_b   62.285
_cell.length_c   164.094
_cell.angle_alpha   90.00
_cell.angle_beta   90.00
_cell.angle_gamma   90.00
#
_symmetry.space_group_name_H-M   'P 43 21 2'
#
loop_
_entity.id
_entity.type
_entity.pdbx_description
1 polymer 'Alpha/beta fold hydrolase'
2 non-polymer 'CALCIUM ION'
3 water water
#
_entity_poly.entity_id   1
_entity_poly.type   'polypeptide(L)'
_entity_poly.pdbx_seq_one_letter_code
;GPGMQIKLPKPFFFEEGKRAVLLLHGFTGNSSDVRQLGRFLQKKGYTSYAPQYEGHAAPPDEILKSSPFVWFKDALDGYD
YLVEQGYDEIVVAGLSLGGDFALKLSLNRDVKGIVTMCAPMGGKTEGAIYEGFLEYARNFKKYEGKDQETIDNEMDHFKP
TETLKELSEALDTIKEQVDEVLDPILVIQAENDNMIDPQSANYIYDHVDSDDKNIKWYSESGHVITIDKEKEQVFEDIYQ
FLESLDWSE
;
_entity_poly.pdbx_strand_id   A
#
loop_
_chem_comp.id
_chem_comp.type
_chem_comp.name
_chem_comp.formula
CA non-polymer 'CALCIUM ION' 'Ca 2'
#
# COMPACT_ATOMS: atom_id res chain seq x y z
N LEU A 8 7.38 12.67 -13.13
CA LEU A 8 6.86 11.37 -12.67
C LEU A 8 7.68 10.82 -11.52
N PRO A 9 7.00 10.29 -10.50
CA PRO A 9 7.65 9.94 -9.24
C PRO A 9 8.63 8.76 -9.35
N LYS A 10 9.50 8.65 -8.35
CA LYS A 10 10.56 7.65 -8.24
C LYS A 10 10.72 7.21 -6.78
N PRO A 11 11.33 6.04 -6.55
CA PRO A 11 11.47 5.56 -5.17
C PRO A 11 12.37 6.46 -4.35
N PHE A 12 12.26 6.35 -3.03
CA PHE A 12 13.12 7.15 -2.17
C PHE A 12 13.65 6.28 -1.03
N PHE A 13 14.74 6.77 -0.44
CA PHE A 13 15.48 6.05 0.60
C PHE A 13 16.03 7.11 1.56
N PHE A 14 15.50 7.18 2.78
CA PHE A 14 15.97 8.12 3.81
C PHE A 14 16.69 7.33 4.91
N GLU A 15 18.01 7.50 4.99
CA GLU A 15 18.83 6.76 5.94
C GLU A 15 19.01 7.57 7.22
N GLU A 16 18.54 7.03 8.34
CA GLU A 16 18.78 7.65 9.65
C GLU A 16 19.31 6.60 10.64
N GLY A 17 18.47 6.18 11.58
CA GLY A 17 18.88 5.16 12.53
C GLY A 17 18.76 3.75 11.97
N LYS A 18 18.92 2.78 12.87
CA LYS A 18 18.99 1.37 12.53
C LYS A 18 17.63 0.69 12.49
N ARG A 19 16.58 1.34 12.99
CA ARG A 19 15.24 0.81 12.85
C ARG A 19 14.69 1.27 11.51
N ALA A 20 14.17 0.34 10.70
CA ALA A 20 13.79 0.68 9.34
C ALA A 20 12.33 0.34 9.09
N VAL A 21 11.72 1.11 8.19
CA VAL A 21 10.34 0.91 7.76
C VAL A 21 10.30 0.79 6.23
N LEU A 22 9.59 -0.23 5.74
CA LEU A 22 9.34 -0.46 4.32
C LEU A 22 7.92 0.00 4.00
N LEU A 23 7.79 0.91 3.04
CA LEU A 23 6.52 1.55 2.69
C LEU A 23 6.03 1.09 1.31
N LEU A 24 4.79 0.59 1.25
CA LEU A 24 4.18 0.03 0.05
C LEU A 24 2.94 0.83 -0.33
N HIS A 25 2.86 1.30 -1.60
CA HIS A 25 1.76 2.13 -2.07
C HIS A 25 0.62 1.28 -2.65
N GLY A 26 -0.43 1.94 -3.14
CA GLY A 26 -1.63 1.27 -3.63
C GLY A 26 -1.67 1.14 -5.15
N PHE A 27 -2.71 0.43 -5.62
CA PHE A 27 -2.92 0.18 -7.05
C PHE A 27 -3.09 1.51 -7.79
N THR A 28 -2.32 1.68 -8.88
CA THR A 28 -2.17 2.92 -9.65
C THR A 28 -1.66 4.11 -8.81
N GLY A 29 -1.11 3.87 -7.62
CA GLY A 29 -0.43 4.89 -6.85
C GLY A 29 1.07 4.91 -7.13
N ASN A 30 1.77 5.72 -6.35
CA ASN A 30 3.22 5.80 -6.48
C ASN A 30 3.81 6.27 -5.17
N SER A 31 5.13 6.48 -5.15
CA SER A 31 5.82 6.75 -3.90
C SER A 31 5.38 8.06 -3.27
N SER A 32 4.94 9.02 -4.08
CA SER A 32 4.54 10.31 -3.53
C SER A 32 3.32 10.19 -2.63
N ASP A 33 2.59 9.07 -2.71
CA ASP A 33 1.50 8.82 -1.78
C ASP A 33 1.98 8.57 -0.37
N VAL A 34 3.23 8.14 -0.18
CA VAL A 34 3.77 7.82 1.13
C VAL A 34 4.98 8.69 1.49
N ARG A 35 5.22 9.78 0.75
CA ARG A 35 6.45 10.52 0.92
C ARG A 35 6.43 11.33 2.21
N GLN A 36 5.35 12.08 2.43
CA GLN A 36 5.19 12.80 3.69
C GLN A 36 5.35 11.90 4.90
N LEU A 37 4.77 10.70 4.86
CA LEU A 37 5.01 9.75 5.95
C LEU A 37 6.49 9.41 6.07
N GLY A 38 7.18 9.26 4.93
CA GLY A 38 8.62 9.06 4.99
C GLY A 38 9.35 10.22 5.64
N ARG A 39 8.96 11.45 5.32
CA ARG A 39 9.61 12.60 5.93
C ARG A 39 9.32 12.68 7.42
N PHE A 40 8.11 12.27 7.85
CA PHE A 40 7.78 12.31 9.26
C PHE A 40 8.60 11.29 10.03
N LEU A 41 8.71 10.07 9.52
CA LEU A 41 9.51 9.05 10.18
C LEU A 41 10.99 9.46 10.25
N GLN A 42 11.49 10.16 9.21
CA GLN A 42 12.91 10.52 9.21
C GLN A 42 13.18 11.48 10.35
N LYS A 43 12.27 12.44 10.54
CA LYS A 43 12.42 13.42 11.60
C LYS A 43 12.36 12.77 12.98
N LYS A 44 11.72 11.61 13.10
CA LYS A 44 11.78 10.83 14.33
C LYS A 44 12.99 9.91 14.40
N GLY A 45 13.81 9.83 13.35
CA GLY A 45 15.02 9.02 13.38
C GLY A 45 14.85 7.62 12.83
N TYR A 46 13.72 7.32 12.20
CA TYR A 46 13.53 6.03 11.53
C TYR A 46 14.00 6.13 10.07
N THR A 47 14.71 5.09 9.64
CA THR A 47 15.07 4.92 8.24
C THR A 47 13.86 4.39 7.48
N SER A 48 13.64 4.86 6.26
CA SER A 48 12.51 4.34 5.50
C SER A 48 12.87 4.18 4.02
N TYR A 49 12.20 3.24 3.36
CA TYR A 49 12.44 2.90 1.96
C TYR A 49 11.12 2.62 1.26
N ALA A 50 10.94 3.19 0.07
CA ALA A 50 9.66 3.14 -0.65
C ALA A 50 9.89 2.76 -2.10
N PRO A 51 9.72 1.49 -2.46
CA PRO A 51 9.84 1.08 -3.86
C PRO A 51 8.55 1.36 -4.64
N GLN A 52 8.62 1.17 -5.97
CA GLN A 52 7.46 1.36 -6.83
C GLN A 52 7.21 0.09 -7.64
N TYR A 53 5.94 -0.23 -7.86
CA TYR A 53 5.66 -1.44 -8.60
C TYR A 53 5.89 -1.24 -10.09
N GLU A 54 6.02 -2.36 -10.80
CA GLU A 54 6.22 -2.33 -12.23
C GLU A 54 4.96 -1.78 -12.91
N GLY A 55 5.15 -0.99 -13.97
CA GLY A 55 4.06 -0.30 -14.64
C GLY A 55 3.57 0.98 -13.98
N HIS A 56 3.97 1.25 -12.74
CA HIS A 56 3.50 2.41 -12.01
C HIS A 56 4.45 3.60 -12.19
N ALA A 57 3.94 4.80 -11.85
CA ALA A 57 4.61 6.05 -12.18
C ALA A 57 5.00 6.08 -13.67
N ALA A 58 4.06 5.67 -14.52
CA ALA A 58 4.30 5.40 -15.93
C ALA A 58 2.97 5.50 -16.66
N PRO A 59 2.98 5.50 -17.99
CA PRO A 59 1.71 5.41 -18.75
C PRO A 59 0.90 4.20 -18.34
N PRO A 60 -0.43 4.34 -18.26
CA PRO A 60 -1.25 3.25 -17.71
C PRO A 60 -1.21 1.96 -18.51
N ASP A 61 -0.89 2.01 -19.80
CA ASP A 61 -0.72 0.81 -20.61
C ASP A 61 0.33 -0.12 -20.00
N GLU A 62 1.34 0.44 -19.32
CA GLU A 62 2.35 -0.39 -18.69
C GLU A 62 1.76 -1.30 -17.61
N ILE A 63 0.74 -0.82 -16.89
CA ILE A 63 0.08 -1.65 -15.88
C ILE A 63 -0.61 -2.85 -16.53
N LEU A 64 -1.24 -2.63 -17.68
CA LEU A 64 -1.98 -3.68 -18.38
C LEU A 64 -1.05 -4.78 -18.88
N LYS A 65 0.22 -4.47 -19.12
CA LYS A 65 1.20 -5.45 -19.58
C LYS A 65 1.83 -6.19 -18.41
N SER A 66 1.43 -5.88 -17.19
CA SER A 66 2.05 -6.41 -16.00
C SER A 66 1.11 -7.41 -15.34
N SER A 67 1.42 -7.75 -14.08
CA SER A 67 0.64 -8.69 -13.33
C SER A 67 0.79 -8.33 -11.86
N PRO A 68 -0.27 -8.49 -11.06
CA PRO A 68 -0.12 -8.30 -9.60
C PRO A 68 0.93 -9.21 -8.97
N PHE A 69 1.29 -10.32 -9.63
CA PHE A 69 2.26 -11.23 -9.02
C PHE A 69 3.68 -10.70 -9.16
N VAL A 70 3.95 -9.90 -10.20
CA VAL A 70 5.18 -9.12 -10.25
C VAL A 70 5.22 -8.12 -9.11
N TRP A 71 4.13 -7.37 -8.96
CA TRP A 71 4.06 -6.33 -7.95
C TRP A 71 4.39 -6.84 -6.55
N PHE A 72 4.05 -8.11 -6.24
CA PHE A 72 4.44 -8.62 -4.92
C PHE A 72 5.95 -8.82 -4.82
N LYS A 73 6.58 -9.31 -5.90
CA LYS A 73 8.03 -9.46 -5.91
C LYS A 73 8.74 -8.12 -5.75
N ASP A 74 8.18 -7.05 -6.35
CA ASP A 74 8.76 -5.73 -6.13
C ASP A 74 8.77 -5.37 -4.65
N ALA A 75 7.78 -5.86 -3.89
CA ALA A 75 7.77 -5.63 -2.45
C ALA A 75 8.83 -6.49 -1.75
N LEU A 76 8.97 -7.75 -2.15
CA LEU A 76 9.97 -8.59 -1.49
C LEU A 76 11.37 -8.06 -1.77
N ASP A 77 11.62 -7.63 -3.01
CA ASP A 77 12.88 -7.00 -3.35
C ASP A 77 13.12 -5.74 -2.52
N GLY A 78 12.05 -5.04 -2.13
CA GLY A 78 12.21 -3.91 -1.24
C GLY A 78 12.81 -4.32 0.09
N TYR A 79 12.27 -5.41 0.68
CA TYR A 79 12.75 -5.86 1.99
C TYR A 79 14.21 -6.33 1.88
N ASP A 80 14.51 -7.14 0.86
CA ASP A 80 15.87 -7.63 0.69
C ASP A 80 16.86 -6.48 0.46
N TYR A 81 16.39 -5.39 -0.15
CA TYR A 81 17.27 -4.22 -0.34
C TYR A 81 17.67 -3.61 0.98
N LEU A 82 16.69 -3.44 1.88
CA LEU A 82 16.98 -2.89 3.20
C LEU A 82 18.00 -3.75 3.93
N VAL A 83 17.86 -5.07 3.85
CA VAL A 83 18.77 -5.98 4.53
C VAL A 83 20.17 -5.91 3.89
N GLU A 84 20.23 -5.86 2.56
CA GLU A 84 21.50 -5.66 1.88
C GLU A 84 22.21 -4.41 2.38
N GLN A 85 21.47 -3.31 2.56
CA GLN A 85 22.02 -2.02 2.98
C GLN A 85 22.41 -1.98 4.46
N GLY A 86 22.05 -2.97 5.28
CA GLY A 86 22.53 -3.04 6.63
C GLY A 86 21.49 -3.02 7.72
N TYR A 87 20.23 -3.33 7.39
CA TYR A 87 19.08 -3.15 8.29
C TYR A 87 18.38 -4.49 8.56
N ASP A 88 18.69 -5.12 9.71
CA ASP A 88 18.05 -6.38 10.14
C ASP A 88 16.58 -6.20 10.50
N GLU A 89 16.23 -5.07 11.12
CA GLU A 89 15.00 -4.95 11.88
C GLU A 89 14.07 -3.99 11.14
N ILE A 90 12.99 -4.55 10.59
CA ILE A 90 12.17 -3.88 9.59
C ILE A 90 10.71 -4.07 9.94
N VAL A 91 9.96 -2.96 9.97
CA VAL A 91 8.51 -2.96 9.96
C VAL A 91 8.07 -2.72 8.52
N VAL A 92 6.96 -3.36 8.12
CA VAL A 92 6.37 -3.14 6.81
C VAL A 92 5.03 -2.43 6.98
N ALA A 93 4.84 -1.35 6.23
CA ALA A 93 3.62 -0.54 6.29
C ALA A 93 3.07 -0.34 4.88
N GLY A 94 1.80 -0.64 4.65
CA GLY A 94 1.27 -0.73 3.30
C GLY A 94 -0.07 -0.03 3.17
N LEU A 95 -0.25 0.66 2.05
CA LEU A 95 -1.41 1.50 1.78
C LEU A 95 -2.30 0.83 0.74
N SER A 96 -3.58 0.65 1.09
CA SER A 96 -4.58 0.08 0.20
C SER A 96 -4.09 -1.29 -0.25
N LEU A 97 -3.93 -1.56 -1.54
CA LEU A 97 -3.34 -2.82 -1.99
C LEU A 97 -2.01 -3.12 -1.29
N GLY A 98 -1.15 -2.10 -1.11
CA GLY A 98 0.10 -2.34 -0.41
C GLY A 98 -0.11 -2.90 0.99
N GLY A 99 -1.22 -2.56 1.64
CA GLY A 99 -1.51 -3.15 2.93
C GLY A 99 -1.79 -4.63 2.84
N ASP A 100 -2.43 -5.08 1.76
CA ASP A 100 -2.56 -6.51 1.54
C ASP A 100 -1.18 -7.17 1.34
N PHE A 101 -0.29 -6.51 0.59
CA PHE A 101 1.06 -7.05 0.36
C PHE A 101 1.85 -7.12 1.67
N ALA A 102 1.67 -6.14 2.55
CA ALA A 102 2.37 -6.14 3.83
C ALA A 102 2.01 -7.37 4.64
N LEU A 103 0.71 -7.71 4.70
CA LEU A 103 0.27 -8.92 5.39
C LEU A 103 0.99 -10.14 4.84
N LYS A 104 0.97 -10.29 3.50
CA LYS A 104 1.56 -11.45 2.85
C LYS A 104 3.07 -11.47 3.01
N LEU A 105 3.70 -10.30 2.98
CA LEU A 105 5.14 -10.22 3.12
C LEU A 105 5.59 -10.73 4.48
N SER A 106 4.82 -10.44 5.53
CA SER A 106 5.15 -10.90 6.87
C SER A 106 5.21 -12.43 6.95
N LEU A 107 4.51 -13.14 6.06
CA LEU A 107 4.58 -14.59 5.98
C LEU A 107 5.83 -15.09 5.25
N ASN A 108 6.59 -14.20 4.59
CA ASN A 108 7.73 -14.57 3.78
C ASN A 108 9.05 -13.99 4.25
N ARG A 109 9.04 -12.98 5.12
CA ARG A 109 10.26 -12.42 5.70
C ARG A 109 10.02 -12.12 7.18
N ASP A 110 11.11 -12.06 7.94
CA ASP A 110 11.07 -11.68 9.35
C ASP A 110 10.83 -10.16 9.50
N VAL A 111 9.65 -9.77 9.99
CA VAL A 111 9.39 -8.35 10.28
C VAL A 111 9.16 -8.17 11.78
N LYS A 112 9.42 -6.95 12.25
CA LYS A 112 9.14 -6.59 13.63
C LYS A 112 7.67 -6.27 13.85
N GLY A 113 6.96 -5.87 12.79
CA GLY A 113 5.56 -5.44 12.92
C GLY A 113 4.98 -5.10 11.55
N ILE A 114 3.64 -5.05 11.50
CA ILE A 114 2.85 -4.77 10.30
C ILE A 114 1.94 -3.56 10.53
N VAL A 115 1.80 -2.73 9.49
CA VAL A 115 0.81 -1.65 9.48
C VAL A 115 0.04 -1.70 8.16
N THR A 116 -1.26 -2.01 8.23
CA THR A 116 -2.12 -1.95 7.06
C THR A 116 -2.96 -0.68 7.14
N MET A 117 -3.06 0.01 6.01
CA MET A 117 -3.81 1.27 5.90
C MET A 117 -4.86 1.15 4.80
N CYS A 118 -6.12 1.11 5.20
CA CYS A 118 -7.23 0.98 4.26
C CYS A 118 -7.03 -0.19 3.31
N ALA A 119 -6.65 -1.35 3.86
CA ALA A 119 -6.39 -2.51 3.02
C ALA A 119 -7.68 -3.30 2.82
N PRO A 120 -8.04 -3.64 1.59
CA PRO A 120 -9.29 -4.37 1.34
C PRO A 120 -9.20 -5.87 1.61
N MET A 121 -10.35 -6.46 1.94
CA MET A 121 -10.50 -7.90 2.14
C MET A 121 -11.58 -8.41 1.21
N GLY A 122 -11.18 -9.11 0.17
CA GLY A 122 -12.16 -9.54 -0.84
C GLY A 122 -11.78 -8.97 -2.20
N GLY A 123 -11.82 -9.82 -3.21
CA GLY A 123 -11.46 -9.41 -4.55
C GLY A 123 -12.58 -8.78 -5.36
N LYS A 124 -13.53 -8.10 -4.68
CA LYS A 124 -14.57 -7.36 -5.37
C LYS A 124 -13.97 -6.16 -6.12
N THR A 125 -13.71 -6.34 -7.41
CA THR A 125 -13.08 -5.30 -8.24
C THR A 125 -14.10 -4.50 -9.04
N GLU A 126 -15.38 -4.82 -8.96
CA GLU A 126 -16.38 -4.14 -9.76
C GLU A 126 -16.81 -2.84 -9.09
N GLY A 127 -17.36 -1.94 -9.90
CA GLY A 127 -17.77 -0.64 -9.42
C GLY A 127 -16.59 0.27 -9.12
N ALA A 128 -16.14 0.27 -7.86
CA ALA A 128 -15.20 1.30 -7.42
C ALA A 128 -13.82 1.11 -8.03
N ILE A 129 -13.31 -0.13 -8.05
CA ILE A 129 -11.96 -0.34 -8.56
C ILE A 129 -11.93 -0.12 -10.07
N TYR A 130 -13.03 -0.40 -10.76
CA TYR A 130 -13.06 -0.34 -12.21
C TYR A 130 -12.98 1.09 -12.71
N GLU A 131 -13.96 1.93 -12.35
CA GLU A 131 -13.96 3.33 -12.76
C GLU A 131 -12.64 4.03 -12.43
N GLY A 132 -11.95 3.60 -11.38
CA GLY A 132 -10.76 4.30 -10.94
C GLY A 132 -9.58 4.10 -11.86
N PHE A 133 -9.37 2.85 -12.30
CA PHE A 133 -8.42 2.58 -13.37
C PHE A 133 -8.74 3.41 -14.62
N LEU A 134 -10.04 3.58 -14.92
CA LEU A 134 -10.46 4.37 -16.08
C LEU A 134 -10.09 5.85 -15.91
N GLU A 135 -10.42 6.41 -14.74
CA GLU A 135 -10.06 7.79 -14.44
C GLU A 135 -8.55 7.97 -14.36
N TYR A 136 -7.83 6.94 -13.88
CA TYR A 136 -6.38 7.01 -13.86
C TYR A 136 -5.83 7.26 -15.26
N ALA A 137 -6.40 6.60 -16.26
CA ALA A 137 -5.96 6.81 -17.64
C ALA A 137 -6.49 8.11 -18.22
N ARG A 138 -7.67 8.56 -17.82
CA ARG A 138 -8.21 9.83 -18.30
C ARG A 138 -7.29 10.98 -17.92
N ASN A 139 -7.07 11.18 -16.62
CA ASN A 139 -6.22 12.28 -16.18
C ASN A 139 -4.79 12.13 -16.66
N PHE A 140 -4.34 10.89 -16.89
CA PHE A 140 -2.99 10.70 -17.43
C PHE A 140 -2.94 11.08 -18.90
N LYS A 141 -3.86 10.55 -19.71
CA LYS A 141 -3.94 10.95 -21.11
C LYS A 141 -4.12 12.45 -21.24
N LYS A 142 -4.79 13.07 -20.27
CA LYS A 142 -4.82 14.54 -20.20
C LYS A 142 -3.44 15.09 -19.87
N TYR A 143 -2.77 14.54 -18.83
CA TYR A 143 -1.40 14.95 -18.50
C TYR A 143 -0.51 14.87 -19.73
N GLU A 144 -0.66 13.81 -20.53
CA GLU A 144 0.12 13.66 -21.75
C GLU A 144 -0.12 14.78 -22.75
N GLY A 145 -1.07 15.68 -22.48
CA GLY A 145 -1.35 16.77 -23.40
C GLY A 145 -2.08 16.30 -24.64
N LYS A 146 -3.08 15.44 -24.45
CA LYS A 146 -3.87 14.89 -25.55
C LYS A 146 -5.21 15.61 -25.63
N ASP A 147 -5.57 16.02 -26.85
CA ASP A 147 -6.84 16.72 -27.04
C ASP A 147 -8.01 15.84 -26.61
N GLN A 148 -9.16 16.47 -26.40
CA GLN A 148 -10.31 15.77 -25.82
C GLN A 148 -10.87 14.73 -26.79
N GLU A 149 -10.73 14.95 -28.09
CA GLU A 149 -11.16 13.95 -29.07
C GLU A 149 -10.28 12.71 -29.01
N THR A 150 -8.99 12.89 -28.75
CA THR A 150 -8.06 11.76 -28.69
C THR A 150 -8.32 10.89 -27.47
N ILE A 151 -8.42 11.51 -26.28
CA ILE A 151 -8.58 10.78 -25.01
C ILE A 151 -9.66 9.71 -25.11
N ASP A 152 -10.70 9.96 -25.91
CA ASP A 152 -11.75 8.96 -26.12
C ASP A 152 -11.32 7.83 -27.04
N ASN A 153 -10.30 8.04 -27.87
CA ASN A 153 -9.91 7.03 -28.85
C ASN A 153 -9.15 5.88 -28.22
N GLU A 154 -8.00 6.15 -27.60
CA GLU A 154 -7.32 5.05 -26.91
C GLU A 154 -8.07 4.58 -25.68
N MET A 155 -9.12 5.31 -25.26
CA MET A 155 -9.91 4.85 -24.12
C MET A 155 -10.84 3.70 -24.52
N ASP A 156 -11.47 3.81 -25.69
CA ASP A 156 -12.25 2.69 -26.23
C ASP A 156 -11.38 1.51 -26.63
N HIS A 157 -10.06 1.64 -26.58
CA HIS A 157 -9.12 0.54 -26.79
C HIS A 157 -8.46 0.09 -25.49
N PHE A 158 -8.97 0.54 -24.34
CA PHE A 158 -8.45 0.18 -23.03
C PHE A 158 -9.21 -1.07 -22.53
N LYS A 159 -8.50 -2.21 -22.46
CA LYS A 159 -9.12 -3.44 -21.98
C LYS A 159 -8.59 -3.77 -20.58
N PRO A 160 -9.30 -3.41 -19.51
CA PRO A 160 -8.83 -3.68 -18.16
C PRO A 160 -9.29 -5.00 -17.55
N THR A 161 -10.11 -5.77 -18.27
CA THR A 161 -10.71 -6.96 -17.68
C THR A 161 -9.66 -7.99 -17.27
N GLU A 162 -8.62 -8.13 -18.08
CA GLU A 162 -7.49 -9.00 -17.79
C GLU A 162 -6.88 -8.62 -16.45
N THR A 163 -6.30 -7.42 -16.39
CA THR A 163 -5.53 -7.04 -15.22
C THR A 163 -6.38 -7.03 -13.97
N LEU A 164 -7.58 -6.44 -14.05
CA LEU A 164 -8.45 -6.34 -12.88
C LEU A 164 -8.91 -7.71 -12.36
N LYS A 165 -8.80 -8.75 -13.18
CA LYS A 165 -9.21 -10.10 -12.79
C LYS A 165 -8.10 -10.88 -12.10
N GLU A 166 -6.84 -10.68 -12.50
CA GLU A 166 -5.72 -11.21 -11.72
C GLU A 166 -5.69 -10.57 -10.33
N LEU A 167 -6.04 -9.27 -10.27
CA LEU A 167 -6.14 -8.57 -9.01
C LEU A 167 -7.19 -9.19 -8.10
N SER A 168 -8.30 -9.66 -8.70
CA SER A 168 -9.37 -10.24 -7.90
C SER A 168 -8.96 -11.59 -7.32
N GLU A 169 -8.27 -12.43 -8.10
CA GLU A 169 -7.76 -13.70 -7.56
C GLU A 169 -6.75 -13.45 -6.46
N ALA A 170 -5.77 -12.57 -6.72
CA ALA A 170 -4.72 -12.31 -5.75
C ALA A 170 -5.29 -11.95 -4.39
N LEU A 171 -6.28 -11.05 -4.38
CA LEU A 171 -6.86 -10.60 -3.12
C LEU A 171 -7.55 -11.75 -2.40
N ASP A 172 -8.30 -12.60 -3.13
CA ASP A 172 -8.97 -13.72 -2.47
C ASP A 172 -7.96 -14.68 -1.84
N THR A 173 -6.83 -14.92 -2.52
CA THR A 173 -5.76 -15.75 -1.95
C THR A 173 -5.25 -15.19 -0.62
N ILE A 174 -5.05 -13.88 -0.57
CA ILE A 174 -4.53 -13.25 0.64
C ILE A 174 -5.58 -13.26 1.75
N LYS A 175 -6.85 -13.14 1.39
CA LYS A 175 -7.89 -13.18 2.40
C LYS A 175 -7.86 -14.50 3.16
N GLU A 176 -7.69 -15.62 2.44
CA GLU A 176 -7.61 -16.92 3.09
C GLU A 176 -6.34 -17.10 3.90
N GLN A 177 -5.38 -16.18 3.76
CA GLN A 177 -4.10 -16.26 4.44
C GLN A 177 -4.02 -15.38 5.68
N VAL A 178 -5.01 -14.52 5.93
CA VAL A 178 -4.90 -13.59 7.05
C VAL A 178 -4.77 -14.35 8.36
N ASP A 179 -5.34 -15.56 8.45
CA ASP A 179 -5.30 -16.32 9.70
C ASP A 179 -3.91 -16.91 10.01
N GLU A 180 -2.90 -16.70 9.17
CA GLU A 180 -1.53 -17.12 9.45
C GLU A 180 -0.62 -15.99 9.93
N VAL A 181 -1.08 -14.73 9.93
CA VAL A 181 -0.25 -13.60 10.35
C VAL A 181 -0.04 -13.64 11.86
N LEU A 182 1.21 -13.46 12.29
CA LEU A 182 1.54 -13.60 13.70
C LEU A 182 2.18 -12.38 14.35
N ASP A 183 2.73 -11.45 13.58
CA ASP A 183 3.54 -10.36 14.11
C ASP A 183 2.67 -9.19 14.59
N PRO A 184 3.20 -8.31 15.45
CA PRO A 184 2.39 -7.18 15.95
C PRO A 184 1.83 -6.35 14.81
N ILE A 185 0.59 -5.88 14.97
CA ILE A 185 -0.10 -5.23 13.86
C ILE A 185 -0.89 -4.00 14.34
N LEU A 186 -0.93 -3.00 13.47
CA LEU A 186 -1.79 -1.83 13.63
C LEU A 186 -2.65 -1.74 12.38
N VAL A 187 -3.96 -1.80 12.56
CA VAL A 187 -4.93 -1.71 11.47
C VAL A 187 -5.48 -0.29 11.43
N ILE A 188 -5.33 0.39 10.29
CA ILE A 188 -5.82 1.77 10.12
C ILE A 188 -6.90 1.79 9.04
N GLN A 189 -8.04 2.43 9.32
CA GLN A 189 -9.11 2.45 8.34
C GLN A 189 -9.87 3.77 8.39
N ALA A 190 -10.13 4.31 7.20
CA ALA A 190 -10.96 5.50 7.07
C ALA A 190 -12.43 5.10 7.13
N GLU A 191 -13.20 5.83 7.94
CA GLU A 191 -14.60 5.47 8.15
C GLU A 191 -15.42 5.60 6.88
N ASN A 192 -15.40 6.78 6.27
CA ASN A 192 -16.18 7.03 5.05
C ASN A 192 -15.32 6.76 3.82
N ASP A 193 -15.11 5.47 3.56
CA ASP A 193 -14.35 5.03 2.40
C ASP A 193 -15.28 4.70 1.24
N ASN A 194 -15.02 5.31 0.08
CA ASN A 194 -15.79 5.03 -1.12
C ASN A 194 -15.13 3.99 -2.01
N MET A 195 -13.93 3.51 -1.67
CA MET A 195 -13.20 2.67 -2.59
C MET A 195 -13.23 1.20 -2.20
N ILE A 196 -12.92 0.90 -0.94
CA ILE A 196 -13.04 -0.46 -0.43
C ILE A 196 -14.25 -0.53 0.52
N ASP A 197 -14.54 -1.73 0.99
CA ASP A 197 -15.51 -1.89 2.06
C ASP A 197 -14.80 -1.70 3.39
N PRO A 198 -15.13 -0.67 4.17
CA PRO A 198 -14.34 -0.37 5.38
C PRO A 198 -14.42 -1.46 6.43
N GLN A 199 -15.45 -2.32 6.36
CA GLN A 199 -15.55 -3.52 7.19
C GLN A 199 -14.36 -4.47 7.01
N SER A 200 -13.55 -4.30 5.97
CA SER A 200 -12.38 -5.13 5.78
C SER A 200 -11.45 -5.03 6.98
N ALA A 201 -11.35 -3.83 7.56
CA ALA A 201 -10.47 -3.61 8.71
C ALA A 201 -10.89 -4.49 9.89
N ASN A 202 -12.19 -4.63 10.13
CA ASN A 202 -12.65 -5.57 11.15
C ASN A 202 -12.29 -7.02 10.79
N TYR A 203 -12.42 -7.40 9.52
CA TYR A 203 -12.01 -8.74 9.12
C TYR A 203 -10.55 -8.99 9.47
N ILE A 204 -9.68 -8.01 9.21
CA ILE A 204 -8.27 -8.22 9.48
C ILE A 204 -8.01 -8.30 10.98
N TYR A 205 -8.49 -7.29 11.74
CA TYR A 205 -8.20 -7.21 13.17
C TYR A 205 -8.68 -8.46 13.90
N ASP A 206 -9.79 -9.04 13.45
CA ASP A 206 -10.39 -10.17 14.14
C ASP A 206 -9.77 -11.51 13.75
N HIS A 207 -9.10 -11.62 12.60
CA HIS A 207 -8.70 -12.92 12.07
C HIS A 207 -7.20 -13.19 12.07
N VAL A 208 -6.34 -12.16 12.15
CA VAL A 208 -4.92 -12.44 12.35
C VAL A 208 -4.74 -13.22 13.66
N ASP A 209 -3.66 -13.99 13.76
CA ASP A 209 -3.30 -14.69 14.98
C ASP A 209 -2.31 -13.89 15.84
N SER A 210 -2.20 -12.58 15.64
CA SER A 210 -1.24 -11.80 16.41
C SER A 210 -1.62 -11.75 17.88
N ASP A 211 -0.59 -11.74 18.73
CA ASP A 211 -0.68 -11.56 20.17
C ASP A 211 -0.68 -10.11 20.58
N ASP A 212 -0.58 -9.19 19.62
CA ASP A 212 -0.38 -7.78 19.91
C ASP A 212 -1.04 -7.02 18.77
N LYS A 213 -2.24 -6.50 19.00
CA LYS A 213 -2.94 -5.86 17.89
C LYS A 213 -3.76 -4.66 18.34
N ASN A 214 -4.14 -3.85 17.36
CA ASN A 214 -4.57 -2.49 17.54
C ASN A 214 -5.33 -2.07 16.29
N ILE A 215 -6.47 -1.40 16.46
CA ILE A 215 -7.19 -0.88 15.30
C ILE A 215 -7.62 0.57 15.59
N LYS A 216 -7.39 1.45 14.62
CA LYS A 216 -7.75 2.88 14.72
C LYS A 216 -8.61 3.30 13.53
N TRP A 217 -9.64 4.09 13.81
CA TRP A 217 -10.62 4.56 12.85
C TRP A 217 -10.57 6.08 12.70
N TYR A 218 -10.64 6.58 11.46
CA TYR A 218 -10.55 8.01 11.18
C TYR A 218 -11.81 8.45 10.45
N SER A 219 -12.50 9.44 11.02
CA SER A 219 -13.87 9.78 10.68
C SER A 219 -13.99 10.84 9.60
N GLU A 220 -12.89 11.48 9.20
CA GLU A 220 -12.97 12.59 8.25
C GLU A 220 -12.10 12.38 7.01
N SER A 221 -11.44 11.25 6.88
CA SER A 221 -10.50 11.05 5.78
C SER A 221 -11.15 10.23 4.67
N GLY A 222 -10.53 10.29 3.49
CA GLY A 222 -10.86 9.43 2.38
C GLY A 222 -9.99 8.19 2.34
N HIS A 223 -10.00 7.51 1.18
CA HIS A 223 -9.30 6.24 1.05
C HIS A 223 -7.78 6.41 1.03
N VAL A 224 -7.28 7.43 0.33
CA VAL A 224 -5.83 7.69 0.30
C VAL A 224 -5.47 8.45 1.57
N ILE A 225 -5.45 7.73 2.71
CA ILE A 225 -5.51 8.38 4.02
C ILE A 225 -4.22 9.13 4.34
N THR A 226 -3.08 8.66 3.83
CA THR A 226 -1.76 9.25 4.07
C THR A 226 -1.60 10.63 3.43
N ILE A 227 -2.58 11.14 2.68
CA ILE A 227 -2.46 12.49 2.13
C ILE A 227 -3.69 13.34 2.41
N ASP A 228 -4.63 12.82 3.20
CA ASP A 228 -5.88 13.54 3.47
C ASP A 228 -5.70 14.44 4.69
N LYS A 229 -6.82 15.03 5.17
CA LYS A 229 -6.76 16.09 6.17
C LYS A 229 -6.34 15.62 7.55
N GLU A 230 -6.45 14.32 7.85
CA GLU A 230 -6.14 13.81 9.17
C GLU A 230 -4.77 13.14 9.22
N LYS A 231 -3.89 13.44 8.25
CA LYS A 231 -2.71 12.61 8.04
C LYS A 231 -1.70 12.73 9.19
N GLU A 232 -1.55 13.93 9.77
CA GLU A 232 -0.64 14.10 10.90
C GLU A 232 -1.06 13.24 12.09
N GLN A 233 -2.36 13.15 12.37
CA GLN A 233 -2.83 12.21 13.39
C GLN A 233 -2.44 10.78 13.05
N VAL A 234 -2.59 10.39 11.78
CA VAL A 234 -2.27 9.02 11.38
C VAL A 234 -0.77 8.76 11.52
N PHE A 235 0.06 9.74 11.14
CA PHE A 235 1.51 9.59 11.32
C PHE A 235 1.86 9.35 12.78
N GLU A 236 1.28 10.15 13.67
CA GLU A 236 1.61 10.04 15.08
C GLU A 236 1.22 8.68 15.66
N ASP A 237 0.07 8.13 15.24
CA ASP A 237 -0.34 6.84 15.77
C ASP A 237 0.57 5.73 15.29
N ILE A 238 1.11 5.87 14.08
CA ILE A 238 2.10 4.95 13.55
C ILE A 238 3.38 4.99 14.38
N TYR A 239 3.84 6.19 14.71
CA TYR A 239 5.00 6.36 15.57
C TYR A 239 4.79 5.71 16.94
N GLN A 240 3.65 5.99 17.59
CA GLN A 240 3.29 5.34 18.86
C GLN A 240 3.48 3.81 18.77
N PHE A 241 2.98 3.22 17.69
CA PHE A 241 3.09 1.77 17.46
C PHE A 241 4.55 1.33 17.35
N LEU A 242 5.33 2.03 16.51
CA LEU A 242 6.73 1.68 16.30
C LEU A 242 7.52 1.70 17.59
N GLU A 243 7.28 2.70 18.45
CA GLU A 243 8.05 2.83 19.68
C GLU A 243 7.71 1.73 20.68
N SER A 244 6.59 1.03 20.49
CA SER A 244 6.16 -0.01 21.41
C SER A 244 6.68 -1.39 21.07
N LEU A 245 7.37 -1.55 19.95
CA LEU A 245 7.93 -2.83 19.54
C LEU A 245 9.24 -3.08 20.29
N ASP A 246 9.85 -4.23 20.06
CA ASP A 246 11.07 -4.60 20.78
C ASP A 246 12.27 -4.55 19.84
N TRP A 247 12.59 -3.32 19.46
CA TRP A 247 13.84 -3.06 18.75
C TRP A 247 15.03 -3.48 19.60
N SER A 248 16.03 -4.06 18.95
CA SER A 248 17.27 -4.38 19.65
C SER A 248 18.05 -3.14 20.02
N GLU A 249 17.79 -2.03 19.35
CA GLU A 249 18.50 -0.78 19.59
C GLU A 249 17.69 0.40 19.08
CA CA B . -0.01 -2.81 20.52
CA CA C . -4.42 -17.35 18.96
CA CA D . 23.92 2.97 1.24
CA CA E . -6.05 -20.08 6.12
#